data_7Q02
#
_entry.id   7Q02
#
_cell.length_a   33.362
_cell.length_b   47.692
_cell.length_c   97.612
_cell.angle_alpha   90.000
_cell.angle_beta   90.000
_cell.angle_gamma   90.000
#
_symmetry.space_group_name_H-M   'P 21 21 21'
#
loop_
_entity.id
_entity.type
_entity.pdbx_description
1 polymer 'Milk protein'
2 non-polymer 'PALMITOLEIC ACID'
3 water water
#
_entity_poly.entity_id   1
_entity_poly.type   'polypeptide(L)'
_entity_poly.pdbx_seq_one_letter_code
;IAAILVANAKEPCPPENLQLTPRALVGKWYLRTTSPDIFKQVSNITEFYSAHGNDYYGTVTDYSPEYGLEAHRVNLTVSG
RTLKFYMNDTHEYDSEYEILAVDKDYFIFYGHPPAAPSGLALIHYRQSCPKEDIIKRVKKSLKNVCLDYKYFGNDTSVHC
RYLE
;
_entity_poly.pdbx_strand_id   A
#
# COMPACT_ATOMS: atom_id res chain seq x y z
N LYS A 10 -10.86 -9.97 -0.31
CA LYS A 10 -10.82 -11.33 -0.85
C LYS A 10 -9.39 -11.85 -0.79
N GLU A 11 -9.20 -13.16 -0.71
CA GLU A 11 -7.84 -13.71 -0.63
C GLU A 11 -7.23 -13.79 -2.02
N PRO A 12 -6.00 -13.34 -2.21
CA PRO A 12 -5.34 -13.46 -3.52
C PRO A 12 -4.81 -14.86 -3.75
N CYS A 13 -4.38 -15.11 -4.99
CA CYS A 13 -3.50 -16.23 -5.30
C CYS A 13 -2.13 -15.63 -5.53
N PRO A 14 -1.27 -15.59 -4.50
CA PRO A 14 -0.05 -14.79 -4.59
C PRO A 14 0.99 -15.45 -5.48
N PRO A 15 1.82 -14.65 -6.15
CA PRO A 15 2.89 -15.21 -7.00
C PRO A 15 4.11 -15.54 -6.15
N GLU A 16 4.46 -16.83 -6.07
CA GLU A 16 5.56 -17.29 -5.17
C GLU A 16 6.96 -16.99 -5.73
N ASN A 17 7.05 -16.48 -6.94
CA ASN A 17 8.36 -16.17 -7.57
C ASN A 17 8.62 -14.67 -7.65
N LEU A 18 7.75 -13.89 -7.02
CA LEU A 18 7.93 -12.43 -7.00
C LEU A 18 8.59 -12.04 -5.68
N GLN A 19 9.78 -11.49 -5.79
CA GLN A 19 10.51 -11.06 -4.58
C GLN A 19 10.80 -9.57 -4.69
N LEU A 20 10.91 -8.93 -3.53
CA LEU A 20 11.20 -7.49 -3.49
C LEU A 20 12.67 -7.29 -3.83
N THR A 21 12.91 -6.39 -4.76
CA THR A 21 14.28 -6.04 -5.12
C THR A 21 14.77 -4.99 -4.12
N PRO A 22 15.97 -5.15 -3.56
CA PRO A 22 16.50 -4.11 -2.69
C PRO A 22 16.41 -2.71 -3.29
N ARG A 23 16.02 -1.77 -2.46
CA ARG A 23 15.82 -0.36 -2.79
C ARG A 23 14.60 -0.09 -3.67
N ALA A 24 13.81 -1.09 -4.03
CA ALA A 24 12.67 -0.83 -4.92
C ALA A 24 11.66 0.11 -4.29
N LEU A 25 11.58 0.16 -2.97
CA LEU A 25 10.55 0.94 -2.30
C LEU A 25 10.99 2.35 -1.93
N VAL A 26 12.21 2.75 -2.30
CA VAL A 26 12.68 4.06 -1.88
C VAL A 26 11.83 5.17 -2.50
N GLY A 27 11.69 6.24 -1.74
CA GLY A 27 11.07 7.45 -2.25
C GLY A 27 9.64 7.60 -1.80
N LYS A 28 8.91 8.41 -2.55
CA LYS A 28 7.58 8.86 -2.21
C LYS A 28 6.53 8.00 -2.92
N TRP A 29 5.47 7.64 -2.18
CA TRP A 29 4.37 6.86 -2.71
C TRP A 29 3.05 7.39 -2.16
N TYR A 30 1.98 7.12 -2.90
CA TYR A 30 0.63 7.54 -2.53
C TYR A 30 -0.28 6.33 -2.47
N LEU A 31 -0.87 6.09 -1.30
CA LEU A 31 -1.69 4.89 -1.12
C LEU A 31 -3.13 5.28 -1.43
N ARG A 32 -3.52 5.09 -2.70
CA ARG A 32 -4.77 5.66 -3.23
C ARG A 32 -5.88 4.64 -3.49
N THR A 33 -5.62 3.33 -3.37
CA THR A 33 -6.62 2.31 -3.66
C THR A 33 -6.44 1.15 -2.70
N THR A 34 -7.53 0.70 -2.07
CA THR A 34 -7.43 -0.40 -1.10
C THR A 34 -8.65 -1.29 -1.20
N SER A 35 -8.49 -2.52 -0.67
CA SER A 35 -9.63 -3.43 -0.53
C SER A 35 -9.49 -4.15 0.81
N PRO A 36 -10.45 -4.00 1.74
CA PRO A 36 -11.63 -3.14 1.59
C PRO A 36 -11.22 -1.66 1.56
N ASP A 37 -12.16 -0.81 1.19
CA ASP A 37 -11.94 0.64 1.13
C ASP A 37 -11.75 1.16 2.55
N ILE A 38 -10.59 1.75 2.84
CA ILE A 38 -10.29 2.30 4.16
C ILE A 38 -10.45 3.80 4.23
N PHE A 39 -10.86 4.46 3.14
CA PHE A 39 -10.68 5.91 3.01
C PHE A 39 -11.69 6.74 3.78
N LYS A 40 -12.75 6.14 4.34
CA LYS A 40 -13.58 6.92 5.25
C LYS A 40 -12.95 7.03 6.63
N GLN A 41 -11.97 6.18 6.92
CA GLN A 41 -11.30 6.19 8.22
C GLN A 41 -9.97 6.95 8.19
N VAL A 42 -9.20 6.79 7.11
CA VAL A 42 -7.91 7.46 6.98
C VAL A 42 -7.67 7.67 5.49
N SER A 43 -7.15 8.84 5.11
CA SER A 43 -7.02 9.14 3.69
C SER A 43 -5.86 10.09 3.45
N ASN A 44 -5.69 10.48 2.18
CA ASN A 44 -4.56 11.30 1.75
C ASN A 44 -3.25 10.77 2.30
N ILE A 45 -2.97 9.51 2.00
CA ILE A 45 -1.84 8.79 2.58
C ILE A 45 -0.62 8.97 1.68
N THR A 46 0.39 9.67 2.20
CA THR A 46 1.68 9.80 1.53
C THR A 46 2.74 9.08 2.33
N GLU A 47 3.52 8.23 1.66
CA GLU A 47 4.60 7.48 2.28
C GLU A 47 5.92 7.96 1.72
N PHE A 48 6.94 7.96 2.59
CA PHE A 48 8.30 8.26 2.13
C PHE A 48 9.25 7.27 2.78
N TYR A 49 10.01 6.54 1.96
CA TYR A 49 10.90 5.50 2.48
C TYR A 49 12.36 5.77 2.09
N SER A 50 13.26 5.46 3.02
CA SER A 50 14.70 5.55 2.81
C SER A 50 15.31 4.18 3.05
N ALA A 51 16.34 3.85 2.28
CA ALA A 51 16.95 2.53 2.36
C ALA A 51 17.85 2.39 3.59
N HIS A 52 17.80 1.20 4.18
CA HIS A 52 18.71 0.81 5.25
C HIS A 52 19.13 -0.61 4.91
N GLY A 53 20.16 -0.75 4.08
CA GLY A 53 20.46 -2.07 3.55
C GLY A 53 19.27 -2.59 2.73
N ASN A 54 18.75 -3.75 3.11
CA ASN A 54 17.56 -4.31 2.49
C ASN A 54 16.27 -3.88 3.20
N ASP A 55 16.40 -3.15 4.31
CA ASP A 55 15.26 -2.66 5.07
C ASP A 55 15.00 -1.20 4.70
N TYR A 56 14.01 -0.59 5.35
CA TYR A 56 13.67 0.79 5.09
C TYR A 56 13.23 1.46 6.38
N TYR A 57 13.40 2.77 6.42
CA TYR A 57 12.81 3.61 7.44
C TYR A 57 12.15 4.77 6.73
N GLY A 58 11.15 5.37 7.38
CA GLY A 58 10.54 6.51 6.75
C GLY A 58 9.36 7.05 7.51
N THR A 59 8.45 7.68 6.78
CA THR A 59 7.31 8.35 7.38
C THR A 59 6.07 8.07 6.55
N VAL A 60 4.93 8.13 7.23
CA VAL A 60 3.62 8.09 6.59
C VAL A 60 2.84 9.25 7.16
N THR A 61 2.30 10.10 6.27
CA THR A 61 1.42 11.17 6.67
C THR A 61 0.03 10.90 6.12
N ASP A 62 -0.99 11.35 6.84
CA ASP A 62 -2.35 11.07 6.41
C ASP A 62 -3.29 12.08 7.05
N TYR A 63 -4.53 12.05 6.55
CA TYR A 63 -5.63 12.81 7.09
C TYR A 63 -6.60 11.84 7.75
N SER A 64 -6.99 12.13 8.98
CA SER A 64 -8.02 11.38 9.67
C SER A 64 -9.17 12.32 10.00
N PRO A 65 -10.41 11.97 9.63
CA PRO A 65 -11.54 12.80 10.06
C PRO A 65 -11.63 12.93 11.56
N GLU A 66 -11.27 11.87 12.30
CA GLU A 66 -11.39 11.88 13.74
C GLU A 66 -10.16 12.47 14.43
N TYR A 67 -8.96 12.22 13.91
CA TYR A 67 -7.75 12.65 14.59
C TYR A 67 -7.05 13.84 13.96
N GLY A 68 -7.49 14.29 12.79
CA GLY A 68 -6.83 15.40 12.12
C GLY A 68 -5.63 14.95 11.29
N LEU A 69 -4.71 15.89 11.07
CA LEU A 69 -3.50 15.59 10.31
C LEU A 69 -2.52 14.80 11.18
N GLU A 70 -1.96 13.74 10.59
CA GLU A 70 -1.09 12.84 11.33
C GLU A 70 0.19 12.63 10.57
N ALA A 71 1.29 12.50 11.30
CA ALA A 71 2.57 12.09 10.75
C ALA A 71 3.09 10.96 11.64
N HIS A 72 3.53 9.87 11.02
CA HIS A 72 3.95 8.67 11.73
C HIS A 72 5.33 8.28 11.25
N ARG A 73 6.17 7.82 12.15
CA ARG A 73 7.47 7.22 11.78
C ARG A 73 7.29 5.72 11.64
N VAL A 74 7.91 5.15 10.61
CA VAL A 74 7.72 3.74 10.28
C VAL A 74 9.05 3.07 9.97
N ASN A 75 9.10 1.75 10.18
CA ASN A 75 10.18 0.88 9.73
C ASN A 75 9.59 -0.25 8.90
N LEU A 76 10.30 -0.66 7.85
CA LEU A 76 9.98 -1.87 7.10
C LEU A 76 11.16 -2.82 7.21
N THR A 77 10.92 -4.04 7.67
CA THR A 77 11.94 -5.09 7.60
C THR A 77 11.52 -6.07 6.51
N VAL A 78 12.41 -6.32 5.57
CA VAL A 78 12.09 -7.04 4.34
C VAL A 78 12.71 -8.44 4.39
N SER A 79 11.88 -9.44 4.06
CA SER A 79 12.33 -10.87 4.02
C SER A 79 11.73 -11.50 2.76
N GLY A 80 12.44 -11.45 1.66
CA GLY A 80 12.00 -12.11 0.41
C GLY A 80 10.78 -11.52 -0.25
N ARG A 81 9.67 -12.24 -0.20
CA ARG A 81 8.42 -11.81 -0.84
C ARG A 81 7.53 -11.08 0.18
N THR A 82 8.02 -10.91 1.38
CA THR A 82 7.23 -10.24 2.44
C THR A 82 8.04 -9.19 3.19
N LEU A 83 7.33 -8.28 3.85
CA LEU A 83 7.96 -7.34 4.76
C LEU A 83 7.08 -7.21 5.99
N LYS A 84 7.67 -6.70 7.07
CA LYS A 84 6.95 -6.37 8.28
C LYS A 84 6.90 -4.85 8.39
N PHE A 85 5.71 -4.31 8.60
CA PHE A 85 5.48 -2.87 8.68
C PHE A 85 5.29 -2.53 10.15
N TYR A 86 6.10 -1.60 10.66
CA TYR A 86 6.02 -1.17 12.05
C TYR A 86 5.82 0.34 12.10
N MET A 87 4.86 0.80 12.88
CA MET A 87 4.64 2.22 13.05
C MET A 87 4.77 2.58 14.53
N ASN A 88 5.28 3.78 14.80
CA ASN A 88 5.62 4.13 16.18
C ASN A 88 4.38 4.30 17.06
N ASP A 89 3.46 5.19 16.69
CA ASP A 89 2.50 5.66 17.69
C ASP A 89 1.32 4.72 17.85
N THR A 90 0.77 4.24 16.73
CA THR A 90 -0.36 3.36 16.70
C THR A 90 0.06 2.13 15.91
N HIS A 91 -0.60 1.01 16.16
CA HIS A 91 -0.19 -0.23 15.52
C HIS A 91 -1.33 -0.88 14.74
N GLU A 92 -2.32 -0.08 14.35
CA GLU A 92 -3.49 -0.59 13.65
C GLU A 92 -3.12 -1.27 12.35
N TYR A 93 -2.07 -0.81 11.67
CA TYR A 93 -1.72 -1.35 10.37
C TYR A 93 -0.44 -2.18 10.42
N ASP A 94 0.10 -2.44 11.63
CA ASP A 94 1.32 -3.22 11.76
C ASP A 94 1.00 -4.68 11.45
N SER A 95 1.74 -5.25 10.52
CA SER A 95 1.51 -6.62 10.07
C SER A 95 2.62 -7.01 9.12
N GLU A 96 2.66 -8.29 8.80
CA GLU A 96 3.41 -8.77 7.64
C GLU A 96 2.57 -8.54 6.39
N TYR A 97 3.21 -8.08 5.32
CA TYR A 97 2.57 -7.84 4.04
C TYR A 97 3.37 -8.56 2.96
N GLU A 98 2.67 -9.26 2.07
CA GLU A 98 3.32 -9.93 0.96
C GLU A 98 3.17 -9.08 -0.30
N ILE A 99 4.18 -9.14 -1.17
CA ILE A 99 4.11 -8.45 -2.45
C ILE A 99 3.22 -9.25 -3.39
N LEU A 100 2.29 -8.56 -4.03
CA LEU A 100 1.42 -9.18 -5.03
C LEU A 100 1.74 -8.77 -6.44
N ALA A 101 2.22 -7.53 -6.63
CA ALA A 101 2.52 -7.03 -7.97
C ALA A 101 3.53 -5.90 -7.88
N VAL A 102 4.42 -5.86 -8.87
CA VAL A 102 5.45 -4.84 -8.99
C VAL A 102 5.32 -4.21 -10.36
N ASP A 103 5.31 -2.88 -10.40
CA ASP A 103 5.24 -2.12 -11.65
C ASP A 103 6.03 -0.84 -11.40
N LYS A 104 6.59 -0.27 -12.47
CA LYS A 104 7.36 0.96 -12.30
C LYS A 104 6.53 2.06 -11.64
N ASP A 105 5.21 2.01 -11.78
CA ASP A 105 4.35 3.08 -11.29
C ASP A 105 3.52 2.69 -10.07
N TYR A 106 3.58 1.44 -9.62
CA TYR A 106 2.80 1.05 -8.44
C TYR A 106 3.30 -0.28 -7.89
N PHE A 107 3.04 -0.48 -6.59
CA PHE A 107 3.22 -1.77 -5.94
C PHE A 107 1.91 -2.17 -5.27
N ILE A 108 1.60 -3.46 -5.28
CA ILE A 108 0.42 -4.00 -4.61
C ILE A 108 0.88 -4.95 -3.50
N PHE A 109 0.43 -4.70 -2.27
CA PHE A 109 0.76 -5.51 -1.11
C PHE A 109 -0.52 -6.05 -0.48
N TYR A 110 -0.38 -7.11 0.32
CA TYR A 110 -1.53 -7.73 0.96
C TYR A 110 -1.13 -8.26 2.34
N GLY A 111 -1.94 -7.95 3.36
CA GLY A 111 -1.67 -8.46 4.69
C GLY A 111 -2.95 -8.57 5.49
N HIS A 112 -2.80 -8.93 6.77
CA HIS A 112 -3.94 -9.08 7.68
C HIS A 112 -3.69 -8.30 8.96
N PRO A 113 -3.65 -6.97 8.88
CA PRO A 113 -3.41 -6.15 10.08
C PRO A 113 -4.63 -6.09 10.98
N PRO A 114 -4.44 -5.63 12.23
CA PRO A 114 -5.58 -5.46 13.13
C PRO A 114 -6.71 -4.62 12.55
N ALA A 115 -6.38 -3.60 11.75
CA ALA A 115 -7.40 -2.71 11.21
C ALA A 115 -8.27 -3.38 10.16
N ALA A 116 -7.80 -4.46 9.56
CA ALA A 116 -8.55 -5.16 8.51
C ALA A 116 -8.11 -6.61 8.56
N PRO A 117 -8.49 -7.32 9.63
CA PRO A 117 -7.88 -8.62 9.92
C PRO A 117 -8.31 -9.73 8.97
N SER A 118 -9.37 -9.52 8.18
CA SER A 118 -9.74 -10.50 7.16
C SER A 118 -8.98 -10.29 5.87
N GLY A 119 -8.07 -9.32 5.83
CA GLY A 119 -7.26 -9.13 4.65
C GLY A 119 -7.36 -7.71 4.11
N LEU A 120 -6.22 -7.15 3.74
CA LEU A 120 -6.15 -5.78 3.25
C LEU A 120 -5.18 -5.75 2.09
N ALA A 121 -5.69 -5.40 0.91
CA ALA A 121 -4.86 -5.18 -0.27
C ALA A 121 -4.64 -3.68 -0.43
N LEU A 122 -3.39 -3.30 -0.68
CA LEU A 122 -2.99 -1.89 -0.69
C LEU A 122 -2.25 -1.60 -1.98
N ILE A 123 -2.67 -0.58 -2.71
CA ILE A 123 -2.01 -0.17 -3.94
C ILE A 123 -1.31 1.16 -3.70
N HIS A 124 0.00 1.16 -3.87
CA HIS A 124 0.86 2.31 -3.64
C HIS A 124 1.32 2.83 -4.99
N TYR A 125 1.03 4.09 -5.29
CA TYR A 125 1.29 4.67 -6.60
C TYR A 125 2.44 5.66 -6.54
N ARG A 126 3.23 5.69 -7.63
CA ARG A 126 4.24 6.74 -7.76
C ARG A 126 3.61 8.11 -8.01
N GLN A 127 2.46 8.15 -8.70
CA GLN A 127 1.81 9.42 -9.02
C GLN A 127 0.67 9.68 -8.03
N SER A 128 0.52 10.96 -7.66
CA SER A 128 -0.49 11.34 -6.68
C SER A 128 -1.90 11.10 -7.21
N CYS A 129 -2.12 11.33 -8.50
CA CYS A 129 -3.40 11.05 -9.14
C CYS A 129 -3.12 10.15 -10.32
N PRO A 130 -3.17 8.84 -10.12
CA PRO A 130 -2.84 7.92 -11.21
C PRO A 130 -3.85 8.04 -12.36
N LYS A 131 -3.32 8.06 -13.57
CA LYS A 131 -4.12 8.25 -14.78
C LYS A 131 -4.69 6.92 -15.25
N GLU A 132 -5.54 7.02 -16.28
CA GLU A 132 -6.28 5.85 -16.75
C GLU A 132 -5.36 4.72 -17.23
N ASP A 133 -4.21 5.05 -17.85
CA ASP A 133 -3.34 3.98 -18.31
C ASP A 133 -2.75 3.19 -17.13
N ILE A 134 -2.45 3.87 -16.03
CA ILE A 134 -1.98 3.17 -14.84
C ILE A 134 -3.07 2.26 -14.29
N ILE A 135 -4.29 2.77 -14.20
CA ILE A 135 -5.38 1.99 -13.63
C ILE A 135 -5.66 0.75 -14.46
N LYS A 136 -5.58 0.88 -15.80
CA LYS A 136 -5.72 -0.30 -16.66
C LYS A 136 -4.69 -1.37 -16.33
N ARG A 137 -3.43 -0.96 -16.10
CA ARG A 137 -2.41 -1.92 -15.71
C ARG A 137 -2.71 -2.53 -14.34
N VAL A 138 -3.18 -1.69 -13.39
CA VAL A 138 -3.53 -2.20 -12.07
C VAL A 138 -4.62 -3.27 -12.17
N LYS A 139 -5.64 -3.02 -13.00
CA LYS A 139 -6.72 -4.00 -13.14
C LYS A 139 -6.19 -5.34 -13.59
N LYS A 140 -5.25 -5.33 -14.55
CA LYS A 140 -4.64 -6.57 -15.03
C LYS A 140 -3.79 -7.22 -13.95
N SER A 141 -3.04 -6.41 -13.18
CA SER A 141 -2.23 -6.97 -12.11
C SER A 141 -3.10 -7.68 -11.07
N LEU A 142 -4.25 -7.08 -10.73
CA LEU A 142 -5.13 -7.68 -9.74
C LEU A 142 -5.72 -9.00 -10.27
N LYS A 143 -6.16 -9.02 -11.52
CA LYS A 143 -6.73 -10.24 -12.09
C LYS A 143 -5.69 -11.37 -12.05
N ASN A 144 -4.42 -11.04 -12.31
CA ASN A 144 -3.37 -12.04 -12.31
C ASN A 144 -3.17 -12.68 -10.94
N VAL A 145 -3.59 -12.03 -9.85
CA VAL A 145 -3.46 -12.59 -8.51
C VAL A 145 -4.84 -12.89 -7.92
N CYS A 146 -5.82 -13.13 -8.79
CA CYS A 146 -7.15 -13.60 -8.39
C CYS A 146 -7.96 -12.55 -7.63
N LEU A 147 -7.59 -11.28 -7.76
CA LEU A 147 -8.34 -10.17 -7.18
C LEU A 147 -9.06 -9.42 -8.29
N ASP A 148 -9.87 -8.43 -7.91
CA ASP A 148 -10.68 -7.73 -8.91
C ASP A 148 -10.88 -6.29 -8.43
N TYR A 149 -10.51 -5.34 -9.29
CA TYR A 149 -10.62 -3.92 -9.00
C TYR A 149 -12.02 -3.53 -8.50
N LYS A 150 -13.06 -4.26 -8.91
CA LYS A 150 -14.41 -3.90 -8.48
C LYS A 150 -14.60 -4.02 -6.97
N TYR A 151 -13.73 -4.77 -6.28
CA TYR A 151 -13.79 -4.88 -4.82
C TYR A 151 -12.91 -3.87 -4.12
N PHE A 152 -12.30 -2.94 -4.86
CA PHE A 152 -11.43 -1.91 -4.32
C PHE A 152 -12.15 -0.56 -4.31
N GLY A 153 -11.71 0.30 -3.42
CA GLY A 153 -12.14 1.69 -3.39
C GLY A 153 -10.96 2.62 -3.59
N ASN A 154 -11.19 3.71 -4.30
CA ASN A 154 -10.19 4.75 -4.50
C ASN A 154 -10.38 5.88 -3.50
N ASP A 155 -9.30 6.60 -3.24
CA ASP A 155 -9.37 7.69 -2.26
C ASP A 155 -9.99 8.91 -2.93
N THR A 156 -11.30 9.06 -2.76
CA THR A 156 -12.03 10.20 -3.32
C THR A 156 -12.10 11.38 -2.36
N SER A 157 -11.30 11.38 -1.30
CA SER A 157 -11.14 12.54 -0.45
C SER A 157 -10.09 13.51 -0.96
N VAL A 158 -9.28 13.10 -1.93
CA VAL A 158 -8.22 13.93 -2.46
C VAL A 158 -8.64 14.45 -3.83
N HIS A 159 -7.82 15.36 -4.37
CA HIS A 159 -8.13 16.05 -5.62
C HIS A 159 -7.70 15.17 -6.79
N CYS A 160 -8.46 14.10 -7.00
CA CYS A 160 -8.19 13.11 -8.03
C CYS A 160 -9.50 12.47 -8.44
N ARG A 161 -9.72 12.38 -9.75
CA ARG A 161 -10.84 11.63 -10.30
C ARG A 161 -10.27 10.36 -10.88
N TYR A 162 -10.96 9.25 -10.68
CA TYR A 162 -10.33 7.99 -11.03
C TYR A 162 -11.01 7.34 -12.22
#